data_1S9T
#
_entry.id   1S9T
#
_cell.length_a   57.656
_cell.length_b   90.689
_cell.length_c   103.952
_cell.angle_alpha   90.00
_cell.angle_beta   90.00
_cell.angle_gamma   90.00
#
_symmetry.space_group_name_H-M   'P 21 21 21'
#
loop_
_entity.id
_entity.type
_entity.pdbx_description
1 polymer 'Glutamate receptor, ionotropic kainate 2'
2 non-polymer 'CHLORIDE ION'
3 non-polymer '(S)-2-AMINO-3-(3,5-DIOXO-[1,2,4]OXADIAZOLIDIN-2-YL)-PROPIONIC ACID'
4 water water
#
_entity_poly.entity_id   1
_entity_poly.type   'polypeptide(L)'
_entity_poly.pdbx_seq_one_letter_code
;GSNRSLIVTTILEEPYVLFKKSDKPLYGNDRFEGYCIDLLRELSTILGFTYEIRLVEDGKYGAQDDVNGQWNGMVRELID
HKADLAVAPLAITYVREKVIDFSKPFMTLGISILYRKGTPIDSADDLAKQTKIEYGAVEDGATMTFFKKSKISTYDKMWA
FMSSRRQSVLVKSNEEGIQRVLTSDYAFLMESTTIEFVTQRNCNLTQIGGLIDSKGYGVGTPMGSPYRDKITIAILQLQE
EGKLHMMKEKWWRGNGCPE
;
_entity_poly.pdbx_strand_id   A,B
#
# COMPACT_ATOMS: atom_id res chain seq x y z
N ASN A 3 -2.97 -28.07 -31.05
CA ASN A 3 -2.85 -27.20 -29.85
C ASN A 3 -2.24 -27.94 -28.66
N ARG A 4 -0.93 -28.20 -28.73
CA ARG A 4 -0.22 -28.90 -27.67
C ARG A 4 -0.36 -28.12 -26.36
N SER A 5 -0.24 -28.82 -25.24
N SER A 5 -0.22 -28.81 -25.24
CA SER A 5 -0.35 -28.17 -23.94
CA SER A 5 -0.33 -28.17 -23.94
C SER A 5 0.80 -27.17 -23.77
C SER A 5 0.80 -27.16 -23.79
N LEU A 6 0.54 -26.09 -23.05
CA LEU A 6 1.53 -25.07 -22.80
C LEU A 6 2.32 -25.49 -21.57
N ILE A 7 3.58 -25.08 -21.51
CA ILE A 7 4.41 -25.39 -20.36
C ILE A 7 4.39 -24.14 -19.50
N VAL A 8 3.92 -24.27 -18.26
CA VAL A 8 3.84 -23.13 -17.35
C VAL A 8 4.83 -23.28 -16.20
N THR A 9 5.77 -22.33 -16.13
CA THR A 9 6.75 -22.34 -15.06
C THR A 9 6.19 -21.51 -13.91
N THR A 10 6.50 -21.94 -12.70
CA THR A 10 6.04 -21.26 -11.51
C THR A 10 7.00 -21.55 -10.38
N ILE A 11 6.68 -21.04 -9.20
CA ILE A 11 7.55 -21.23 -8.06
C ILE A 11 6.68 -21.43 -6.83
N LEU A 12 7.15 -22.23 -5.89
CA LEU A 12 6.43 -22.51 -4.64
C LEU A 12 6.47 -21.29 -3.76
N GLU A 13 5.29 -20.80 -3.37
N GLU A 13 5.29 -20.80 -3.37
CA GLU A 13 5.19 -19.62 -2.50
CA GLU A 13 5.18 -19.63 -2.52
C GLU A 13 3.75 -19.49 -2.02
C GLU A 13 3.74 -19.51 -2.03
N GLU A 14 3.50 -19.80 -0.76
CA GLU A 14 2.15 -19.71 -0.20
C GLU A 14 1.76 -18.23 -0.15
N PRO A 15 0.47 -17.92 -0.42
CA PRO A 15 -0.57 -18.89 -0.78
C PRO A 15 -0.78 -18.89 -2.28
N TYR A 16 0.22 -18.47 -3.03
CA TYR A 16 0.09 -18.40 -4.48
C TYR A 16 0.19 -19.76 -5.13
N VAL A 17 1.22 -20.52 -4.73
CA VAL A 17 1.49 -21.83 -5.28
C VAL A 17 2.01 -22.78 -4.21
N LEU A 18 1.38 -23.95 -4.12
CA LEU A 18 1.82 -24.93 -3.15
C LEU A 18 1.40 -26.33 -3.60
N PHE A 19 2.09 -27.34 -3.06
CA PHE A 19 1.76 -28.71 -3.38
C PHE A 19 0.44 -28.99 -2.67
N LYS A 20 -0.55 -29.50 -3.39
CA LYS A 20 -1.81 -29.82 -2.76
C LYS A 20 -1.61 -31.08 -1.91
N LYS A 21 -2.13 -31.08 -0.69
CA LYS A 21 -1.99 -32.25 0.19
C LYS A 21 -3.19 -33.17 0.03
N SER A 22 -2.93 -34.48 0.08
CA SER A 22 -3.98 -35.47 -0.05
C SER A 22 -3.50 -36.86 0.33
N ASP A 23 -4.46 -37.71 0.72
CA ASP A 23 -4.16 -39.10 1.10
C ASP A 23 -4.04 -39.90 -0.20
N LYS A 24 -4.99 -39.68 -1.11
CA LYS A 24 -5.00 -40.36 -2.39
C LYS A 24 -4.00 -39.69 -3.33
N PRO A 25 -3.31 -40.47 -4.19
CA PRO A 25 -2.34 -39.89 -5.12
C PRO A 25 -2.98 -38.84 -6.01
N LEU A 26 -2.26 -37.74 -6.22
CA LEU A 26 -2.73 -36.65 -7.06
C LEU A 26 -1.95 -36.70 -8.38
N TYR A 27 -2.59 -36.28 -9.47
CA TYR A 27 -1.94 -36.33 -10.77
C TYR A 27 -2.13 -35.04 -11.56
N GLY A 28 -1.21 -34.80 -12.47
CA GLY A 28 -1.29 -33.62 -13.32
C GLY A 28 -1.48 -32.31 -12.58
N ASN A 29 -2.32 -31.45 -13.15
CA ASN A 29 -2.60 -30.13 -12.60
C ASN A 29 -3.09 -30.15 -11.15
N ASP A 30 -3.75 -31.23 -10.75
CA ASP A 30 -4.31 -31.34 -9.39
C ASP A 30 -3.27 -31.46 -8.28
N ARG A 31 -2.01 -31.63 -8.66
CA ARG A 31 -0.92 -31.76 -7.70
C ARG A 31 -0.58 -30.43 -7.04
N PHE A 32 -1.03 -29.34 -7.67
CA PHE A 32 -0.77 -28.01 -7.13
C PHE A 32 -2.05 -27.27 -6.84
N GLU A 33 -1.94 -26.25 -5.99
CA GLU A 33 -3.08 -25.40 -5.65
C GLU A 33 -2.56 -24.04 -5.21
N GLY A 34 -3.47 -23.08 -5.09
CA GLY A 34 -3.08 -21.75 -4.67
C GLY A 34 -3.72 -20.70 -5.55
N TYR A 35 -3.59 -19.44 -5.14
CA TYR A 35 -4.15 -18.32 -5.88
C TYR A 35 -3.73 -18.36 -7.35
N CYS A 36 -2.43 -18.49 -7.60
CA CYS A 36 -1.92 -18.51 -8.96
C CYS A 36 -2.34 -19.77 -9.73
N ILE A 37 -2.61 -20.85 -9.00
CA ILE A 37 -3.03 -22.08 -9.65
C ILE A 37 -4.49 -21.91 -10.09
N ASP A 38 -5.28 -21.21 -9.28
CA ASP A 38 -6.67 -20.93 -9.64
C ASP A 38 -6.67 -19.98 -10.84
N LEU A 39 -5.77 -19.00 -10.80
CA LEU A 39 -5.68 -18.04 -11.91
C LEU A 39 -5.34 -18.81 -13.20
N LEU A 40 -4.33 -19.67 -13.13
CA LEU A 40 -3.91 -20.47 -14.27
C LEU A 40 -5.08 -21.27 -14.81
N ARG A 41 -5.85 -21.89 -13.93
CA ARG A 41 -7.00 -22.68 -14.37
C ARG A 41 -8.01 -21.83 -15.14
N GLU A 42 -8.34 -20.65 -14.60
CA GLU A 42 -9.28 -19.73 -15.24
C GLU A 42 -8.75 -19.26 -16.60
N LEU A 43 -7.45 -19.05 -16.69
CA LEU A 43 -6.87 -18.61 -17.96
C LEU A 43 -7.01 -19.71 -19.03
N SER A 44 -6.79 -20.95 -18.63
CA SER A 44 -6.88 -22.08 -19.54
C SER A 44 -8.27 -22.29 -20.13
N THR A 45 -9.32 -22.12 -19.32
CA THR A 45 -10.68 -22.30 -19.82
C THR A 45 -11.16 -21.10 -20.63
N ILE A 46 -10.83 -19.91 -20.16
CA ILE A 46 -11.19 -18.68 -20.87
C ILE A 46 -10.53 -18.61 -22.25
N LEU A 47 -9.23 -18.91 -22.31
CA LEU A 47 -8.45 -18.85 -23.55
C LEU A 47 -8.32 -20.14 -24.33
N GLY A 48 -8.77 -21.23 -23.73
CA GLY A 48 -8.74 -22.53 -24.40
C GLY A 48 -7.41 -23.21 -24.59
N PHE A 49 -6.76 -23.62 -23.49
CA PHE A 49 -5.50 -24.33 -23.62
C PHE A 49 -5.34 -25.28 -22.44
N THR A 50 -4.57 -26.34 -22.66
CA THR A 50 -4.29 -27.31 -21.63
C THR A 50 -2.85 -26.95 -21.24
N TYR A 51 -2.35 -27.48 -20.12
CA TYR A 51 -1.02 -27.11 -19.70
C TYR A 51 -0.36 -28.09 -18.74
N GLU A 52 0.94 -27.93 -18.59
CA GLU A 52 1.75 -28.72 -17.68
C GLU A 52 2.43 -27.72 -16.76
N ILE A 53 2.33 -27.93 -15.45
CA ILE A 53 2.96 -27.04 -14.49
C ILE A 53 4.37 -27.57 -14.18
N ARG A 54 5.38 -26.70 -14.33
CA ARG A 54 6.75 -27.09 -14.01
C ARG A 54 7.29 -26.08 -13.01
N LEU A 55 8.01 -26.55 -12.02
CA LEU A 55 8.59 -25.66 -11.02
C LEU A 55 9.92 -25.18 -11.58
N VAL A 56 10.17 -23.87 -11.53
CA VAL A 56 11.41 -23.31 -12.05
C VAL A 56 12.60 -24.10 -11.50
N GLU A 57 13.36 -24.72 -12.41
CA GLU A 57 14.50 -25.57 -12.06
C GLU A 57 15.51 -25.03 -11.07
N ASP A 58 15.96 -23.79 -11.26
CA ASP A 58 16.95 -23.23 -10.33
C ASP A 58 16.31 -22.63 -9.07
N GLY A 59 14.99 -22.78 -8.95
CA GLY A 59 14.28 -22.28 -7.78
C GLY A 59 14.30 -20.77 -7.55
N LYS A 60 14.59 -20.00 -8.59
CA LYS A 60 14.68 -18.54 -8.46
C LYS A 60 13.61 -17.77 -9.25
N TYR A 61 13.32 -16.55 -8.80
CA TYR A 61 12.34 -15.72 -9.49
C TYR A 61 12.97 -15.15 -10.75
N GLY A 62 14.13 -14.51 -10.58
CA GLY A 62 14.81 -13.96 -11.72
C GLY A 62 15.52 -12.65 -11.51
N ALA A 63 16.83 -12.68 -11.73
CA ALA A 63 17.66 -11.49 -11.61
C ALA A 63 18.78 -11.64 -12.64
N GLN A 64 19.38 -10.52 -13.00
CA GLN A 64 20.47 -10.52 -13.96
C GLN A 64 21.80 -10.58 -13.22
N ASP A 65 22.63 -11.54 -13.60
CA ASP A 65 23.93 -11.73 -12.98
C ASP A 65 24.87 -10.56 -13.27
N ASP A 66 25.59 -10.11 -12.24
CA ASP A 66 26.53 -9.01 -12.37
C ASP A 66 27.57 -9.31 -13.43
N VAL A 67 28.28 -10.41 -13.24
CA VAL A 67 29.33 -10.83 -14.17
C VAL A 67 28.90 -10.91 -15.64
N ASN A 68 28.32 -12.05 -16.03
CA ASN A 68 27.89 -12.29 -17.40
C ASN A 68 26.58 -11.67 -17.83
N GLY A 69 25.94 -10.93 -16.94
CA GLY A 69 24.68 -10.28 -17.27
C GLY A 69 23.59 -11.20 -17.79
N GLN A 70 23.65 -12.46 -17.38
CA GLN A 70 22.67 -13.46 -17.78
C GLN A 70 21.57 -13.54 -16.73
N TRP A 71 20.34 -13.75 -17.19
CA TRP A 71 19.21 -13.86 -16.28
C TRP A 71 19.05 -15.30 -15.80
N ASN A 72 18.39 -15.45 -14.66
CA ASN A 72 18.14 -16.78 -14.12
C ASN A 72 16.66 -16.86 -13.72
N GLY A 73 16.29 -17.92 -13.00
CA GLY A 73 14.90 -18.05 -12.57
C GLY A 73 13.88 -18.22 -13.70
N MET A 74 12.63 -17.89 -13.37
CA MET A 74 11.52 -17.99 -14.31
C MET A 74 11.72 -17.07 -15.51
N VAL A 75 12.34 -15.91 -15.28
CA VAL A 75 12.60 -14.95 -16.34
C VAL A 75 13.48 -15.59 -17.42
N ARG A 76 14.53 -16.29 -17.01
CA ARG A 76 15.44 -16.95 -17.94
C ARG A 76 14.73 -18.11 -18.64
N GLU A 77 13.86 -18.83 -17.93
CA GLU A 77 13.14 -19.95 -18.55
C GLU A 77 12.24 -19.44 -19.69
N LEU A 78 11.72 -18.22 -19.52
CA LEU A 78 10.87 -17.61 -20.54
C LEU A 78 11.72 -17.13 -21.71
N ILE A 79 12.85 -16.52 -21.40
CA ILE A 79 13.78 -16.03 -22.41
C ILE A 79 14.22 -17.17 -23.32
N ASP A 80 14.61 -18.30 -22.71
CA ASP A 80 15.06 -19.46 -23.48
C ASP A 80 13.93 -20.31 -24.04
N HIS A 81 12.71 -19.84 -23.87
CA HIS A 81 11.55 -20.57 -24.35
C HIS A 81 11.42 -21.96 -23.75
N LYS A 82 11.77 -22.09 -22.47
CA LYS A 82 11.66 -23.38 -21.80
C LYS A 82 10.25 -23.48 -21.22
N ALA A 83 9.51 -22.38 -21.29
CA ALA A 83 8.14 -22.35 -20.81
C ALA A 83 7.38 -21.37 -21.69
N ASP A 84 6.06 -21.55 -21.79
CA ASP A 84 5.22 -20.67 -22.59
C ASP A 84 4.69 -19.53 -21.72
N LEU A 85 4.48 -19.83 -20.44
CA LEU A 85 3.99 -18.84 -19.51
C LEU A 85 4.61 -19.03 -18.15
N ALA A 86 4.63 -17.94 -17.39
CA ALA A 86 5.11 -17.98 -16.02
C ALA A 86 3.90 -17.42 -15.25
N VAL A 87 3.24 -18.29 -14.48
CA VAL A 87 2.08 -17.87 -13.68
C VAL A 87 2.51 -18.06 -12.22
N ALA A 88 2.87 -16.96 -11.59
CA ALA A 88 3.36 -16.98 -10.21
C ALA A 88 3.35 -15.55 -9.72
N PRO A 89 3.72 -15.33 -8.43
CA PRO A 89 3.76 -13.97 -7.89
C PRO A 89 5.02 -13.34 -8.46
N LEU A 90 4.97 -13.09 -9.76
CA LEU A 90 6.08 -12.52 -10.49
C LEU A 90 5.89 -11.02 -10.66
N ALA A 91 6.78 -10.25 -10.04
CA ALA A 91 6.73 -8.80 -10.07
C ALA A 91 7.02 -8.23 -11.45
N ILE A 92 6.20 -7.28 -11.88
CA ILE A 92 6.39 -6.63 -13.16
C ILE A 92 7.39 -5.50 -12.89
N THR A 93 8.55 -5.56 -13.52
CA THR A 93 9.57 -4.54 -13.31
C THR A 93 10.18 -4.08 -14.63
N TYR A 94 10.71 -2.85 -14.62
CA TYR A 94 11.32 -2.27 -15.81
C TYR A 94 12.43 -3.15 -16.39
N VAL A 95 13.36 -3.59 -15.55
CA VAL A 95 14.46 -4.43 -16.02
C VAL A 95 13.99 -5.75 -16.61
N ARG A 96 12.91 -6.33 -16.05
CA ARG A 96 12.42 -7.59 -16.59
C ARG A 96 11.70 -7.35 -17.92
N GLU A 97 10.97 -6.24 -18.02
CA GLU A 97 10.24 -5.89 -19.25
C GLU A 97 11.18 -5.72 -20.44
N LYS A 98 12.47 -5.55 -20.17
CA LYS A 98 13.45 -5.41 -21.24
C LYS A 98 13.74 -6.78 -21.88
N VAL A 99 13.50 -7.86 -21.16
CA VAL A 99 13.79 -9.22 -21.68
C VAL A 99 12.60 -10.16 -21.87
N ILE A 100 11.49 -9.92 -21.16
CA ILE A 100 10.29 -10.74 -21.27
C ILE A 100 9.08 -9.80 -21.24
N ASP A 101 7.91 -10.31 -21.62
CA ASP A 101 6.68 -9.51 -21.59
C ASP A 101 5.83 -9.92 -20.41
N PHE A 102 5.02 -8.97 -19.93
CA PHE A 102 4.11 -9.20 -18.84
C PHE A 102 2.69 -8.82 -19.26
N SER A 103 1.71 -9.51 -18.68
CA SER A 103 0.31 -9.22 -18.92
C SER A 103 0.07 -8.04 -17.99
N LYS A 104 -1.13 -7.46 -18.03
CA LYS A 104 -1.43 -6.39 -17.09
C LYS A 104 -1.40 -7.10 -15.73
N PRO A 105 -1.21 -6.33 -14.64
CA PRO A 105 -1.17 -6.97 -13.33
C PRO A 105 -2.47 -7.60 -12.85
N PHE A 106 -2.37 -8.67 -12.08
CA PHE A 106 -3.55 -9.32 -11.53
C PHE A 106 -3.61 -9.03 -10.04
N MET A 107 -2.59 -8.33 -9.54
CA MET A 107 -2.50 -7.98 -8.13
C MET A 107 -1.50 -6.83 -7.94
N THR A 108 -1.80 -5.91 -7.05
CA THR A 108 -0.90 -4.78 -6.81
C THR A 108 -0.35 -4.90 -5.40
N LEU A 109 0.90 -4.48 -5.24
CA LEU A 109 1.57 -4.59 -3.95
C LEU A 109 2.75 -3.65 -3.91
N GLY A 110 3.56 -3.80 -2.86
CA GLY A 110 4.73 -2.98 -2.71
C GLY A 110 5.69 -3.65 -1.76
N ILE A 111 6.96 -3.31 -1.85
CA ILE A 111 7.96 -3.86 -0.95
C ILE A 111 7.75 -3.28 0.44
N SER A 112 7.90 -4.11 1.47
CA SER A 112 7.78 -3.63 2.83
C SER A 112 8.70 -4.47 3.72
N ILE A 113 8.62 -4.26 5.02
CA ILE A 113 9.45 -4.94 6.00
C ILE A 113 8.68 -5.88 6.93
N LEU A 114 9.20 -7.09 7.10
CA LEU A 114 8.61 -8.09 7.99
C LEU A 114 9.57 -8.15 9.17
N TYR A 115 9.04 -8.08 10.38
CA TYR A 115 9.89 -8.12 11.56
C TYR A 115 9.05 -8.56 12.75
N ARG A 116 9.69 -8.75 13.89
CA ARG A 116 8.98 -9.14 15.10
C ARG A 116 8.32 -7.88 15.61
N LYS A 117 7.26 -8.03 16.41
CA LYS A 117 6.59 -6.86 16.95
C LYS A 117 7.12 -6.58 18.36
N GLY A 118 6.81 -5.41 18.89
CA GLY A 118 7.27 -5.08 20.22
C GLY A 118 8.62 -4.37 20.22
N THR A 119 9.15 -4.10 19.03
CA THR A 119 10.45 -3.42 18.94
C THR A 119 10.30 -1.95 18.56
N PRO A 120 11.38 -1.17 18.72
CA PRO A 120 11.33 0.26 18.38
C PRO A 120 11.59 0.51 16.89
N ILE A 121 11.76 -0.56 16.10
CA ILE A 121 11.98 -0.39 14.65
C ILE A 121 10.63 -0.06 14.05
N ASP A 122 10.54 1.08 13.37
CA ASP A 122 9.27 1.52 12.81
C ASP A 122 9.34 1.91 11.33
N SER A 123 10.51 1.76 10.73
CA SER A 123 10.67 2.11 9.33
C SER A 123 11.97 1.58 8.73
N ALA A 124 12.11 1.74 7.43
CA ALA A 124 13.33 1.30 6.75
C ALA A 124 14.48 2.15 7.26
N ASP A 125 14.21 3.42 7.58
CA ASP A 125 15.25 4.28 8.10
C ASP A 125 15.78 3.79 9.44
N ASP A 126 14.89 3.24 10.28
CA ASP A 126 15.33 2.74 11.57
C ASP A 126 16.26 1.52 11.43
N LEU A 127 16.09 0.75 10.36
CA LEU A 127 16.94 -0.40 10.11
C LEU A 127 18.28 0.04 9.52
N ALA A 128 18.21 0.97 8.57
CA ALA A 128 19.38 1.47 7.88
C ALA A 128 20.39 2.22 8.75
N LYS A 129 19.90 2.87 9.82
CA LYS A 129 20.78 3.65 10.70
C LYS A 129 21.39 2.83 11.83
N GLN A 130 21.32 1.51 11.71
CA GLN A 130 21.90 0.62 12.70
C GLN A 130 22.46 -0.60 11.99
N THR A 131 23.44 -1.24 12.61
CA THR A 131 24.05 -2.42 12.01
C THR A 131 23.98 -3.64 12.90
N LYS A 132 23.26 -3.53 14.01
CA LYS A 132 23.11 -4.67 14.91
C LYS A 132 22.10 -5.64 14.32
N ILE A 133 20.90 -5.13 14.04
CA ILE A 133 19.84 -5.92 13.46
C ILE A 133 20.17 -6.11 11.99
N GLU A 134 20.27 -7.36 11.55
CA GLU A 134 20.57 -7.61 10.15
C GLU A 134 19.24 -7.66 9.41
N TYR A 135 19.32 -7.52 8.10
CA TYR A 135 18.12 -7.56 7.27
C TYR A 135 18.52 -7.98 5.87
N GLY A 136 17.56 -8.51 5.12
CA GLY A 136 17.88 -8.94 3.78
C GLY A 136 16.63 -9.21 2.98
N ALA A 137 16.81 -9.94 1.88
CA ALA A 137 15.71 -10.28 0.98
C ALA A 137 16.02 -11.63 0.32
N VAL A 138 15.09 -12.13 -0.50
CA VAL A 138 15.37 -13.39 -1.19
C VAL A 138 16.36 -13.05 -2.30
N GLU A 139 17.37 -13.90 -2.49
CA GLU A 139 18.35 -13.64 -3.54
C GLU A 139 17.65 -13.74 -4.89
N ASP A 140 18.22 -13.06 -5.88
CA ASP A 140 17.71 -13.08 -7.24
C ASP A 140 16.23 -12.79 -7.42
N GLY A 141 15.72 -11.82 -6.67
CA GLY A 141 14.32 -11.45 -6.77
C GLY A 141 14.15 -9.96 -7.03
N ALA A 142 12.91 -9.52 -7.23
CA ALA A 142 12.61 -8.12 -7.50
C ALA A 142 12.95 -7.19 -6.35
N THR A 143 12.77 -7.66 -5.12
CA THR A 143 13.08 -6.82 -3.95
C THR A 143 14.59 -6.55 -3.88
N MET A 144 15.39 -7.61 -3.99
N MET A 144 15.39 -7.60 -3.98
CA MET A 144 16.84 -7.46 -3.95
CA MET A 144 16.82 -7.43 -3.94
C MET A 144 17.26 -6.48 -5.05
C MET A 144 17.26 -6.47 -5.06
N THR A 145 16.73 -6.69 -6.26
CA THR A 145 17.07 -5.86 -7.41
C THR A 145 16.66 -4.40 -7.17
N PHE A 146 15.53 -4.20 -6.49
CA PHE A 146 15.07 -2.86 -6.17
C PHE A 146 16.15 -2.13 -5.35
N PHE A 147 16.65 -2.80 -4.33
CA PHE A 147 17.68 -2.20 -3.49
C PHE A 147 18.99 -2.03 -4.21
N LYS A 148 19.36 -3.04 -4.98
CA LYS A 148 20.60 -3.02 -5.74
C LYS A 148 20.64 -1.83 -6.72
N LYS A 149 19.50 -1.44 -7.27
CA LYS A 149 19.45 -0.34 -8.22
C LYS A 149 18.97 1.00 -7.64
N SER A 150 18.53 1.00 -6.39
CA SER A 150 18.03 2.23 -5.81
C SER A 150 19.08 3.31 -5.65
N LYS A 151 18.65 4.55 -5.87
CA LYS A 151 19.51 5.72 -5.77
C LYS A 151 19.08 6.55 -4.55
N ILE A 152 18.09 6.02 -3.82
CA ILE A 152 17.60 6.68 -2.63
C ILE A 152 18.54 6.40 -1.46
N SER A 153 19.02 7.46 -0.82
CA SER A 153 19.96 7.35 0.28
C SER A 153 19.78 6.14 1.19
N THR A 154 18.64 6.08 1.88
CA THR A 154 18.35 4.99 2.80
C THR A 154 18.49 3.63 2.15
N TYR A 155 17.84 3.45 1.01
CA TYR A 155 17.88 2.17 0.32
C TYR A 155 19.26 1.84 -0.21
N ASP A 156 19.97 2.84 -0.70
CA ASP A 156 21.30 2.62 -1.23
C ASP A 156 22.25 2.07 -0.16
N LYS A 157 22.16 2.58 1.07
CA LYS A 157 23.02 2.11 2.15
C LYS A 157 22.53 0.76 2.67
N MET A 158 21.22 0.51 2.56
CA MET A 158 20.69 -0.78 2.98
C MET A 158 21.24 -1.84 2.04
N TRP A 159 21.40 -1.49 0.76
CA TRP A 159 21.94 -2.45 -0.20
C TRP A 159 23.42 -2.66 0.09
N ALA A 160 24.13 -1.60 0.44
CA ALA A 160 25.54 -1.71 0.75
C ALA A 160 25.65 -2.73 1.86
N PHE A 161 24.77 -2.63 2.84
CA PHE A 161 24.74 -3.54 3.97
C PHE A 161 24.50 -4.97 3.50
N MET A 162 23.38 -5.19 2.80
CA MET A 162 23.03 -6.52 2.32
C MET A 162 24.11 -7.12 1.44
N SER A 163 24.57 -6.35 0.47
CA SER A 163 25.61 -6.80 -0.42
C SER A 163 26.87 -7.26 0.32
N SER A 164 27.28 -6.51 1.34
CA SER A 164 28.49 -6.87 2.10
C SER A 164 28.33 -8.11 2.98
N ARG A 165 27.10 -8.59 3.14
CA ARG A 165 26.80 -9.76 3.96
C ARG A 165 25.88 -10.69 3.19
N ARG A 166 25.99 -10.64 1.87
CA ARG A 166 25.18 -11.42 0.95
C ARG A 166 24.87 -12.87 1.37
N GLN A 167 25.91 -13.66 1.63
CA GLN A 167 25.73 -15.05 2.00
C GLN A 167 24.91 -15.24 3.27
N SER A 168 25.07 -14.32 4.21
CA SER A 168 24.36 -14.38 5.48
C SER A 168 22.95 -13.81 5.48
N VAL A 169 22.73 -12.72 4.75
CA VAL A 169 21.40 -12.09 4.78
C VAL A 169 20.49 -12.24 3.57
N LEU A 170 21.03 -12.68 2.43
CA LEU A 170 20.19 -12.89 1.25
C LEU A 170 19.89 -14.38 1.22
N VAL A 171 18.66 -14.73 1.54
CA VAL A 171 18.23 -16.12 1.61
C VAL A 171 17.81 -16.77 0.27
N LYS A 172 17.69 -18.09 0.25
CA LYS A 172 17.31 -18.78 -0.99
C LYS A 172 15.82 -18.80 -1.29
N SER A 173 15.00 -18.53 -0.28
CA SER A 173 13.55 -18.50 -0.45
C SER A 173 12.93 -17.54 0.55
N ASN A 174 11.74 -17.01 0.26
CA ASN A 174 11.09 -16.12 1.19
C ASN A 174 10.75 -16.82 2.52
N GLU A 175 10.45 -18.12 2.45
CA GLU A 175 10.14 -18.87 3.66
C GLU A 175 11.37 -18.90 4.58
N GLU A 176 12.54 -18.98 3.97
CA GLU A 176 13.78 -19.01 4.73
C GLU A 176 13.96 -17.67 5.45
N GLY A 177 13.65 -16.57 4.77
CA GLY A 177 13.76 -15.26 5.37
C GLY A 177 12.80 -15.07 6.53
N ILE A 178 11.57 -15.57 6.38
CA ILE A 178 10.55 -15.45 7.42
C ILE A 178 10.99 -16.24 8.68
N GLN A 179 11.52 -17.44 8.46
CA GLN A 179 12.00 -18.26 9.57
C GLN A 179 13.15 -17.54 10.28
N ARG A 180 14.01 -16.89 9.50
CA ARG A 180 15.15 -16.17 10.05
C ARG A 180 14.65 -15.04 10.95
N VAL A 181 13.49 -14.46 10.61
CA VAL A 181 12.90 -13.37 11.38
C VAL A 181 12.39 -13.91 12.73
N LEU A 182 11.98 -15.17 12.74
CA LEU A 182 11.46 -15.80 13.95
C LEU A 182 12.53 -16.47 14.83
N THR A 183 13.78 -16.53 14.35
CA THR A 183 14.83 -17.19 15.11
C THR A 183 16.06 -16.33 15.37
N SER A 184 16.05 -15.09 14.90
CA SER A 184 17.17 -14.21 15.13
C SER A 184 16.80 -12.76 14.92
N ASP A 185 17.65 -11.86 15.39
CA ASP A 185 17.40 -10.43 15.25
C ASP A 185 17.59 -10.11 13.77
N TYR A 186 16.55 -10.42 13.00
CA TYR A 186 16.56 -10.23 11.55
C TYR A 186 15.25 -9.63 11.02
N ALA A 187 15.38 -8.65 10.12
CA ALA A 187 14.24 -8.00 9.49
C ALA A 187 14.26 -8.44 8.02
N PHE A 188 13.11 -8.79 7.47
CA PHE A 188 13.04 -9.26 6.10
C PHE A 188 12.26 -8.36 5.15
N LEU A 189 12.92 -8.00 4.05
CA LEU A 189 12.32 -7.16 3.02
C LEU A 189 11.62 -8.05 2.00
N MET A 190 10.30 -7.92 1.92
CA MET A 190 9.52 -8.73 0.98
C MET A 190 8.23 -8.00 0.61
N GLU A 191 7.49 -8.58 -0.31
CA GLU A 191 6.28 -7.93 -0.81
C GLU A 191 5.08 -7.96 0.13
N SER A 192 4.41 -6.81 0.20
CA SER A 192 3.27 -6.59 1.09
C SER A 192 2.13 -7.60 1.03
N THR A 193 1.79 -8.08 -0.15
CA THR A 193 0.72 -9.06 -0.26
C THR A 193 1.04 -10.32 0.55
N THR A 194 2.30 -10.77 0.46
CA THR A 194 2.78 -11.95 1.17
C THR A 194 2.94 -11.66 2.65
N ILE A 195 3.39 -10.46 2.98
CA ILE A 195 3.57 -10.08 4.38
C ILE A 195 2.20 -10.18 5.06
N GLU A 196 1.16 -9.71 4.37
CA GLU A 196 -0.22 -9.75 4.88
C GLU A 196 -0.60 -11.19 5.26
N PHE A 197 -0.28 -12.12 4.36
CA PHE A 197 -0.57 -13.53 4.56
C PHE A 197 0.19 -14.07 5.78
N VAL A 198 1.49 -13.78 5.84
CA VAL A 198 2.35 -14.24 6.92
C VAL A 198 1.95 -13.73 8.31
N THR A 199 1.70 -12.43 8.42
CA THR A 199 1.31 -11.84 9.70
C THR A 199 -0.08 -12.29 10.14
N GLN A 200 -0.93 -12.63 9.17
CA GLN A 200 -2.28 -13.10 9.48
C GLN A 200 -2.20 -14.45 10.18
N ARG A 201 -1.10 -15.18 9.95
CA ARG A 201 -0.95 -16.49 10.54
C ARG A 201 0.14 -16.61 11.59
N ASN A 202 0.83 -15.50 11.84
CA ASN A 202 1.87 -15.48 12.86
C ASN A 202 1.70 -14.19 13.65
N CYS A 203 0.97 -14.27 14.74
CA CYS A 203 0.69 -13.13 15.59
C CYS A 203 1.93 -12.45 16.15
N ASN A 204 3.07 -13.13 16.09
CA ASN A 204 4.30 -12.55 16.61
C ASN A 204 5.01 -11.71 15.55
N LEU A 205 4.51 -11.75 14.33
CA LEU A 205 5.10 -10.98 13.25
C LEU A 205 4.26 -9.79 12.85
N THR A 206 4.90 -8.80 12.25
CA THR A 206 4.22 -7.60 11.82
C THR A 206 4.96 -6.88 10.69
N GLN A 207 4.22 -6.10 9.91
CA GLN A 207 4.83 -5.32 8.84
C GLN A 207 5.40 -4.08 9.53
N ILE A 208 6.54 -3.61 9.05
CA ILE A 208 7.18 -2.42 9.61
C ILE A 208 7.11 -1.29 8.59
N GLY A 209 6.46 -0.20 8.97
CA GLY A 209 6.32 0.94 8.08
C GLY A 209 5.29 0.68 7.00
N GLY A 210 5.31 1.52 5.96
CA GLY A 210 4.38 1.37 4.86
C GLY A 210 5.06 0.69 3.69
N LEU A 211 4.60 0.99 2.47
CA LEU A 211 5.17 0.41 1.27
C LEU A 211 6.30 1.28 0.74
N ILE A 212 7.42 0.62 0.45
CA ILE A 212 8.63 1.26 -0.05
C ILE A 212 8.54 1.59 -1.56
N ASP A 213 7.67 0.87 -2.26
CA ASP A 213 7.49 1.12 -3.67
C ASP A 213 6.12 0.59 -4.04
N SER A 214 5.79 0.69 -5.33
N SER A 214 5.79 0.68 -5.33
CA SER A 214 4.51 0.22 -5.84
CA SER A 214 4.51 0.21 -5.83
C SER A 214 4.75 -0.58 -7.12
C SER A 214 4.74 -0.58 -7.10
N LYS A 215 4.17 -1.77 -7.17
CA LYS A 215 4.32 -2.63 -8.34
C LYS A 215 3.15 -3.62 -8.40
N GLY A 216 3.23 -4.53 -9.36
CA GLY A 216 2.18 -5.52 -9.49
C GLY A 216 2.74 -6.84 -9.95
N TYR A 217 1.91 -7.87 -9.83
CA TYR A 217 2.26 -9.23 -10.26
C TYR A 217 1.56 -9.43 -11.60
N GLY A 218 2.29 -9.95 -12.57
CA GLY A 218 1.69 -10.19 -13.87
C GLY A 218 2.15 -11.53 -14.38
N VAL A 219 1.43 -12.08 -15.36
CA VAL A 219 1.81 -13.35 -15.95
C VAL A 219 2.94 -13.02 -16.93
N GLY A 220 4.04 -13.77 -16.85
CA GLY A 220 5.15 -13.52 -17.74
C GLY A 220 5.11 -14.43 -18.94
N THR A 221 5.58 -13.93 -20.09
CA THR A 221 5.62 -14.73 -21.31
C THR A 221 6.90 -14.40 -22.04
N PRO A 222 7.33 -15.29 -22.96
CA PRO A 222 8.55 -14.94 -23.68
C PRO A 222 8.24 -13.63 -24.41
N MET A 223 9.24 -12.80 -24.63
CA MET A 223 8.98 -11.56 -25.33
C MET A 223 8.43 -11.90 -26.70
N GLY A 224 7.40 -11.17 -27.13
CA GLY A 224 6.82 -11.40 -28.44
C GLY A 224 5.74 -12.47 -28.48
N SER A 225 5.48 -13.10 -27.35
CA SER A 225 4.47 -14.16 -27.29
C SER A 225 3.08 -13.64 -27.64
N PRO A 226 2.35 -14.37 -28.50
CA PRO A 226 1.00 -13.98 -28.89
C PRO A 226 0.03 -14.18 -27.73
N TYR A 227 0.46 -14.89 -26.69
CA TYR A 227 -0.38 -15.15 -25.54
C TYR A 227 -0.51 -13.99 -24.58
N ARG A 228 0.51 -13.14 -24.51
CA ARG A 228 0.50 -12.02 -23.56
C ARG A 228 -0.74 -11.11 -23.62
N ASP A 229 -1.14 -10.69 -24.82
CA ASP A 229 -2.30 -9.82 -24.93
C ASP A 229 -3.59 -10.58 -24.61
N LYS A 230 -3.62 -11.86 -24.96
CA LYS A 230 -4.79 -12.69 -24.69
C LYS A 230 -4.94 -12.84 -23.19
N ILE A 231 -3.82 -13.09 -22.51
N ILE A 231 -3.83 -13.09 -22.50
CA ILE A 231 -3.80 -13.26 -21.06
CA ILE A 231 -3.87 -13.26 -21.04
C ILE A 231 -4.26 -11.97 -20.36
C ILE A 231 -4.27 -11.97 -20.35
N THR A 232 -3.84 -10.83 -20.89
CA THR A 232 -4.21 -9.53 -20.32
C THR A 232 -5.74 -9.38 -20.40
N ILE A 233 -6.33 -9.77 -21.53
CA ILE A 233 -7.78 -9.68 -21.70
C ILE A 233 -8.46 -10.58 -20.66
N ALA A 234 -7.93 -11.78 -20.47
CA ALA A 234 -8.52 -12.70 -19.50
C ALA A 234 -8.39 -12.14 -18.08
N ILE A 235 -7.22 -11.59 -17.74
CA ILE A 235 -7.04 -11.03 -16.39
C ILE A 235 -7.95 -9.84 -16.13
N LEU A 236 -8.04 -8.94 -17.10
CA LEU A 236 -8.88 -7.75 -16.95
C LEU A 236 -10.35 -8.15 -16.81
N GLN A 237 -10.75 -9.23 -17.47
CA GLN A 237 -12.13 -9.71 -17.37
C GLN A 237 -12.36 -10.29 -15.98
N LEU A 238 -11.38 -11.05 -15.47
CA LEU A 238 -11.49 -11.63 -14.13
C LEU A 238 -11.50 -10.51 -13.10
N GLN A 239 -10.77 -9.44 -13.38
CA GLN A 239 -10.72 -8.28 -12.50
C GLN A 239 -12.10 -7.64 -12.43
N GLU A 240 -12.65 -7.27 -13.58
CA GLU A 240 -13.97 -6.62 -13.67
C GLU A 240 -15.08 -7.39 -12.98
N GLU A 241 -15.15 -8.68 -13.23
N GLU A 241 -15.12 -8.69 -13.23
CA GLU A 241 -16.21 -9.50 -12.64
CA GLU A 241 -16.13 -9.58 -12.67
C GLU A 241 -16.03 -9.75 -11.15
C GLU A 241 -15.98 -9.80 -11.17
N GLY A 242 -14.90 -9.29 -10.60
CA GLY A 242 -14.65 -9.46 -9.18
C GLY A 242 -14.06 -10.81 -8.81
N LYS A 243 -13.74 -11.62 -9.81
CA LYS A 243 -13.18 -12.95 -9.57
C LYS A 243 -11.80 -12.89 -8.91
N LEU A 244 -10.94 -11.95 -9.32
CA LEU A 244 -9.61 -11.83 -8.72
C LEU A 244 -9.76 -11.47 -7.25
N HIS A 245 -10.73 -10.62 -6.92
CA HIS A 245 -10.95 -10.23 -5.54
C HIS A 245 -11.42 -11.46 -4.74
N MET A 246 -12.30 -12.25 -5.35
CA MET A 246 -12.82 -13.48 -4.74
C MET A 246 -11.67 -14.46 -4.49
N MET A 247 -10.75 -14.57 -5.46
CA MET A 247 -9.59 -15.47 -5.34
C MET A 247 -8.67 -15.02 -4.22
N LYS A 248 -8.45 -13.71 -4.12
CA LYS A 248 -7.59 -13.19 -3.06
C LYS A 248 -8.19 -13.51 -1.68
N GLU A 249 -9.49 -13.27 -1.52
CA GLU A 249 -10.17 -13.54 -0.26
C GLU A 249 -10.10 -15.02 0.09
N LYS A 250 -10.26 -15.86 -0.91
CA LYS A 250 -10.20 -17.31 -0.72
C LYS A 250 -8.85 -17.79 -0.16
N TRP A 251 -7.75 -17.30 -0.75
CA TRP A 251 -6.42 -17.73 -0.32
C TRP A 251 -5.77 -16.96 0.82
N TRP A 252 -6.30 -15.77 1.12
CA TRP A 252 -5.79 -14.99 2.24
C TRP A 252 -6.76 -15.11 3.41
N ARG A 253 -8.00 -15.47 3.13
CA ARG A 253 -9.01 -15.64 4.17
C ARG A 253 -9.10 -14.43 5.10
N ASN B 3 -1.05 24.47 34.14
CA ASN B 3 -1.08 23.75 32.83
C ASN B 3 -2.50 23.72 32.26
N ARG B 4 -2.88 24.81 31.59
CA ARG B 4 -4.20 24.93 30.98
C ARG B 4 -4.46 23.81 29.98
N SER B 5 -5.72 23.60 29.64
N SER B 5 -5.72 23.59 29.65
CA SER B 5 -6.08 22.56 28.68
CA SER B 5 -6.08 22.55 28.69
C SER B 5 -5.56 22.96 27.31
C SER B 5 -5.55 22.95 27.32
N LEU B 6 -5.13 21.96 26.54
CA LEU B 6 -4.62 22.22 25.19
C LEU B 6 -5.83 22.28 24.27
N ILE B 7 -5.73 23.08 23.22
CA ILE B 7 -6.81 23.18 22.27
C ILE B 7 -6.34 22.29 21.13
N VAL B 8 -7.16 21.30 20.80
CA VAL B 8 -6.85 20.35 19.74
C VAL B 8 -7.80 20.49 18.57
N THR B 9 -7.26 20.83 17.40
CA THR B 9 -8.10 20.96 16.23
C THR B 9 -8.15 19.62 15.52
N THR B 10 -9.28 19.36 14.88
CA THR B 10 -9.45 18.11 14.17
C THR B 10 -10.50 18.34 13.12
N ILE B 11 -10.83 17.27 12.39
CA ILE B 11 -11.81 17.38 11.33
C ILE B 11 -12.65 16.11 11.34
N LEU B 12 -13.90 16.22 10.91
CA LEU B 12 -14.81 15.09 10.86
C LEU B 12 -14.47 14.19 9.69
N GLU B 13 -14.20 12.92 9.98
N GLU B 13 -14.19 12.92 9.98
CA GLU B 13 -13.84 11.94 8.96
CA GLU B 13 -13.84 11.94 8.95
C GLU B 13 -13.90 10.53 9.54
C GLU B 13 -13.91 10.54 9.54
N GLU B 14 -14.89 9.76 9.12
CA GLU B 14 -15.03 8.39 9.60
C GLU B 14 -13.87 7.57 9.06
N PRO B 15 -13.30 6.67 9.89
CA PRO B 15 -13.67 6.39 11.27
C PRO B 15 -12.70 7.04 12.25
N TYR B 16 -12.01 8.07 11.81
CA TYR B 16 -11.03 8.76 12.64
C TYR B 16 -11.70 9.69 13.65
N VAL B 17 -12.65 10.47 13.17
CA VAL B 17 -13.34 11.43 14.01
C VAL B 17 -14.80 11.56 13.62
N LEU B 18 -15.66 11.41 14.60
CA LEU B 18 -17.09 11.52 14.37
C LEU B 18 -17.82 11.92 15.63
N PHE B 19 -19.02 12.45 15.48
CA PHE B 19 -19.81 12.83 16.63
C PHE B 19 -20.32 11.54 17.24
N LYS B 20 -20.12 11.40 18.55
CA LYS B 20 -20.60 10.21 19.24
C LYS B 20 -22.12 10.34 19.40
N LYS B 21 -22.86 9.26 19.11
CA LYS B 21 -24.31 9.29 19.24
C LYS B 21 -24.72 8.68 20.58
N SER B 22 -25.77 9.23 21.18
CA SER B 22 -26.23 8.72 22.46
C SER B 22 -27.66 9.17 22.75
N ASP B 23 -28.38 8.33 23.50
CA ASP B 23 -29.76 8.64 23.87
C ASP B 23 -29.78 9.78 24.90
N LYS B 24 -28.67 9.94 25.63
CA LYS B 24 -28.53 10.99 26.64
C LYS B 24 -27.54 12.06 26.17
N PRO B 25 -27.63 13.28 26.75
CA PRO B 25 -26.73 14.38 26.37
C PRO B 25 -25.27 14.03 26.66
N LEU B 26 -24.39 14.34 25.73
CA LEU B 26 -22.96 14.09 25.87
C LEU B 26 -22.26 15.42 26.14
N TYR B 27 -21.19 15.40 26.94
CA TYR B 27 -20.49 16.63 27.26
C TYR B 27 -18.99 16.52 27.04
N GLY B 28 -18.36 17.66 26.80
CA GLY B 28 -16.92 17.71 26.60
C GLY B 28 -16.35 16.72 25.60
N ASN B 29 -15.23 16.11 25.97
CA ASN B 29 -14.54 15.17 25.10
C ASN B 29 -15.41 13.98 24.67
N ASP B 30 -16.43 13.64 25.46
CA ASP B 30 -17.32 12.50 25.17
C ASP B 30 -18.21 12.69 23.95
N ARG B 31 -18.26 13.92 23.44
CA ARG B 31 -19.10 14.23 22.29
C ARG B 31 -18.53 13.70 21.00
N PHE B 32 -17.25 13.35 21.03
CA PHE B 32 -16.57 12.83 19.85
C PHE B 32 -16.02 11.44 20.09
N GLU B 33 -15.80 10.70 19.02
CA GLU B 33 -15.23 9.36 19.11
C GLU B 33 -14.52 9.03 17.81
N GLY B 34 -13.73 7.96 17.84
CA GLY B 34 -13.01 7.55 16.65
C GLY B 34 -11.56 7.21 16.93
N TYR B 35 -10.90 6.65 15.92
CA TYR B 35 -9.51 6.27 16.03
C TYR B 35 -8.67 7.43 16.56
N CYS B 36 -8.75 8.58 15.91
CA CYS B 36 -7.97 9.75 16.34
C CYS B 36 -8.38 10.30 17.69
N ILE B 37 -9.62 10.05 18.09
CA ILE B 37 -10.13 10.52 19.37
C ILE B 37 -9.55 9.60 20.45
N ASP B 38 -9.41 8.31 20.12
CA ASP B 38 -8.81 7.36 21.07
C ASP B 38 -7.33 7.71 21.20
N LEU B 39 -6.70 8.04 20.07
CA LEU B 39 -5.29 8.40 20.08
C LEU B 39 -5.07 9.63 20.97
N LEU B 40 -5.90 10.64 20.76
CA LEU B 40 -5.83 11.87 21.54
C LEU B 40 -5.98 11.56 23.03
N ARG B 41 -6.91 10.68 23.39
CA ARG B 41 -7.10 10.34 24.79
C ARG B 41 -5.84 9.69 25.37
N GLU B 42 -5.24 8.76 24.63
CA GLU B 42 -4.02 8.08 25.06
C GLU B 42 -2.87 9.07 25.21
N LEU B 43 -2.79 10.03 24.30
CA LEU B 43 -1.73 11.03 24.36
C LEU B 43 -1.89 11.86 25.63
N SER B 44 -3.12 12.27 25.91
CA SER B 44 -3.40 13.08 27.08
C SER B 44 -3.01 12.42 28.41
N THR B 45 -3.25 11.12 28.58
CA THR B 45 -2.90 10.45 29.83
C THR B 45 -1.39 10.12 29.91
N ILE B 46 -0.81 9.66 28.82
CA ILE B 46 0.62 9.37 28.77
C ILE B 46 1.47 10.61 29.04
N LEU B 47 1.08 11.73 28.42
CA LEU B 47 1.83 13.00 28.55
C LEU B 47 1.30 13.96 29.59
N GLY B 48 0.13 13.65 30.14
CA GLY B 48 -0.44 14.49 31.18
C GLY B 48 -0.98 15.85 30.80
N PHE B 49 -2.08 15.86 30.06
CA PHE B 49 -2.68 17.14 29.71
C PHE B 49 -4.17 16.95 29.49
N THR B 50 -4.91 18.04 29.70
CA THR B 50 -6.36 18.04 29.50
C THR B 50 -6.53 18.76 28.17
N TYR B 51 -7.72 18.71 27.58
CA TYR B 51 -7.88 19.34 26.29
C TYR B 51 -9.31 19.61 25.87
N GLU B 52 -9.43 20.50 24.89
CA GLU B 52 -10.71 20.86 24.32
C GLU B 52 -10.62 20.46 22.86
N ILE B 53 -11.63 19.78 22.35
CA ILE B 53 -11.64 19.39 20.96
C ILE B 53 -12.39 20.47 20.17
N ARG B 54 -11.75 21.00 19.13
CA ARG B 54 -12.36 22.02 18.28
C ARG B 54 -12.35 21.53 16.83
N LEU B 55 -13.46 21.67 16.13
CA LEU B 55 -13.52 21.27 14.73
C LEU B 55 -12.94 22.39 13.90
N VAL B 56 -11.99 22.08 13.01
CA VAL B 56 -11.38 23.11 12.16
C VAL B 56 -12.51 23.97 11.57
N GLU B 57 -12.48 25.27 11.86
CA GLU B 57 -13.53 26.18 11.43
C GLU B 57 -13.85 26.30 9.94
N ASP B 58 -12.83 26.32 9.08
CA ASP B 58 -13.12 26.42 7.66
C ASP B 58 -13.40 25.04 7.04
N GLY B 59 -13.40 24.01 7.89
CA GLY B 59 -13.67 22.65 7.44
C GLY B 59 -12.65 22.03 6.50
N LYS B 60 -11.44 22.59 6.44
CA LYS B 60 -10.41 22.07 5.53
C LYS B 60 -9.23 21.37 6.20
N TYR B 61 -8.54 20.53 5.45
CA TYR B 61 -7.37 19.85 5.98
C TYR B 61 -6.22 20.84 5.97
N GLY B 62 -5.94 21.39 4.79
CA GLY B 62 -4.87 22.36 4.68
C GLY B 62 -4.09 22.38 3.38
N ALA B 63 -4.13 23.53 2.71
CA ALA B 63 -3.39 23.72 1.46
C ALA B 63 -3.00 25.19 1.35
N GLN B 64 -2.02 25.47 0.50
CA GLN B 64 -1.57 26.83 0.30
C GLN B 64 -2.34 27.45 -0.87
N ASP B 65 -2.87 28.65 -0.67
CA ASP B 65 -3.64 29.36 -1.69
C ASP B 65 -2.76 29.65 -2.91
N ASP B 66 -3.30 29.36 -4.08
CA ASP B 66 -2.56 29.57 -5.33
C ASP B 66 -2.24 31.04 -5.58
N VAL B 67 -3.09 31.93 -5.08
CA VAL B 67 -2.89 33.36 -5.28
C VAL B 67 -1.95 34.01 -4.25
N ASN B 68 -2.36 34.06 -3.00
CA ASN B 68 -1.57 34.68 -1.93
C ASN B 68 -0.68 33.74 -1.10
N GLY B 69 -0.64 32.46 -1.46
CA GLY B 69 0.19 31.51 -0.75
C GLY B 69 -0.09 31.31 0.75
N GLN B 70 -1.26 31.74 1.20
CA GLN B 70 -1.64 31.58 2.59
C GLN B 70 -2.19 30.18 2.80
N TRP B 71 -1.97 29.60 3.97
CA TRP B 71 -2.48 28.27 4.26
C TRP B 71 -3.87 28.37 4.87
N ASN B 72 -4.64 27.28 4.75
CA ASN B 72 -5.98 27.23 5.34
C ASN B 72 -6.09 25.90 6.12
N GLY B 73 -7.30 25.58 6.56
CA GLY B 73 -7.53 24.34 7.30
C GLY B 73 -6.82 24.23 8.63
N MET B 74 -6.58 22.98 9.04
CA MET B 74 -5.91 22.69 10.30
C MET B 74 -4.48 23.20 10.30
N VAL B 75 -3.83 23.14 9.13
CA VAL B 75 -2.45 23.61 9.01
C VAL B 75 -2.36 25.08 9.39
N ARG B 76 -3.29 25.89 8.89
CA ARG B 76 -3.32 27.31 9.18
C ARG B 76 -3.68 27.57 10.65
N GLU B 77 -4.56 26.75 11.23
CA GLU B 77 -4.90 26.98 12.64
C GLU B 77 -3.68 26.79 13.53
N LEU B 78 -2.80 25.86 13.15
CA LEU B 78 -1.57 25.60 13.89
C LEU B 78 -0.60 26.76 13.72
N ILE B 79 -0.47 27.21 12.47
CA ILE B 79 0.41 28.33 12.16
C ILE B 79 0.01 29.54 12.98
N ASP B 80 -1.29 29.83 13.01
CA ASP B 80 -1.78 30.98 13.76
C ASP B 80 -1.90 30.73 15.26
N HIS B 81 -1.45 29.56 15.70
CA HIS B 81 -1.51 29.21 17.11
C HIS B 81 -2.92 29.25 17.66
N LYS B 82 -3.89 28.85 16.85
CA LYS B 82 -5.28 28.82 17.29
C LYS B 82 -5.55 27.46 17.92
N ALA B 83 -4.57 26.57 17.80
CA ALA B 83 -4.68 25.24 18.37
C ALA B 83 -3.27 24.81 18.78
N ASP B 84 -3.17 23.97 19.80
CA ASP B 84 -1.87 23.49 20.26
C ASP B 84 -1.48 22.25 19.48
N LEU B 85 -2.49 21.46 19.14
CA LEU B 85 -2.28 20.23 18.41
C LEU B 85 -3.38 20.02 17.38
N ALA B 86 -3.07 19.21 16.38
CA ALA B 86 -4.02 18.84 15.35
C ALA B 86 -3.96 17.31 15.40
N VAL B 87 -5.02 16.67 15.90
CA VAL B 87 -5.03 15.22 15.97
C VAL B 87 -6.14 14.78 15.02
N ALA B 88 -5.73 14.33 13.84
CA ALA B 88 -6.66 13.91 12.81
C ALA B 88 -5.88 13.13 11.75
N PRO B 89 -6.59 12.66 10.70
CA PRO B 89 -5.92 11.91 9.64
C PRO B 89 -5.24 12.96 8.77
N LEU B 90 -4.21 13.58 9.35
CA LEU B 90 -3.46 14.64 8.70
C LEU B 90 -2.19 14.09 8.10
N ALA B 91 -2.11 14.11 6.77
CA ALA B 91 -0.95 13.58 6.05
C ALA B 91 0.30 14.40 6.29
N ILE B 92 1.40 13.70 6.57
CA ILE B 92 2.70 14.34 6.78
C ILE B 92 3.24 14.55 5.37
N THR B 93 3.41 15.81 4.97
CA THR B 93 3.91 16.10 3.64
C THR B 93 5.07 17.10 3.71
N TYR B 94 5.87 17.12 2.66
CA TYR B 94 7.02 18.02 2.59
C TYR B 94 6.61 19.49 2.66
N VAL B 95 5.60 19.88 1.88
CA VAL B 95 5.15 21.27 1.89
C VAL B 95 4.60 21.70 3.24
N ARG B 96 3.93 20.78 3.93
CA ARG B 96 3.38 21.13 5.23
C ARG B 96 4.50 21.21 6.26
N GLU B 97 5.49 20.34 6.16
CA GLU B 97 6.62 20.33 7.10
C GLU B 97 7.39 21.65 7.09
N LYS B 98 7.16 22.44 6.04
CA LYS B 98 7.82 23.74 5.91
C LYS B 98 7.16 24.80 6.80
N VAL B 99 5.91 24.56 7.20
CA VAL B 99 5.18 25.53 8.03
C VAL B 99 4.71 25.05 9.41
N ILE B 100 4.62 23.73 9.61
CA ILE B 100 4.22 23.16 10.88
C ILE B 100 5.05 21.90 11.12
N ASP B 101 5.08 21.41 12.36
CA ASP B 101 5.83 20.20 12.67
C ASP B 101 4.89 19.00 12.76
N PHE B 102 5.42 17.82 12.50
CA PHE B 102 4.66 16.59 12.59
C PHE B 102 5.37 15.64 13.52
N SER B 103 4.60 14.82 14.22
CA SER B 103 5.15 13.79 15.10
C SER B 103 5.49 12.69 14.12
N LYS B 104 6.06 11.59 14.60
CA LYS B 104 6.33 10.47 13.71
C LYS B 104 4.94 9.97 13.31
N PRO B 105 4.82 9.21 12.21
CA PRO B 105 3.53 8.71 11.75
C PRO B 105 2.88 7.71 12.71
N PHE B 106 1.55 7.76 12.83
CA PHE B 106 0.87 6.79 13.68
C PHE B 106 0.14 5.81 12.76
N MET B 107 0.21 6.09 11.47
CA MET B 107 -0.42 5.26 10.45
C MET B 107 0.19 5.56 9.10
N THR B 108 0.40 4.52 8.28
CA THR B 108 0.96 4.71 6.96
C THR B 108 -0.12 4.42 5.93
N LEU B 109 -0.05 5.08 4.79
CA LEU B 109 -1.05 4.92 3.75
C LEU B 109 -0.52 5.43 2.43
N GLY B 110 -1.40 5.51 1.46
CA GLY B 110 -1.01 6.00 0.15
C GLY B 110 -2.25 6.41 -0.61
N ILE B 111 -2.08 7.33 -1.57
CA ILE B 111 -3.20 7.78 -2.38
C ILE B 111 -3.62 6.66 -3.33
N SER B 112 -4.92 6.45 -3.44
CA SER B 112 -5.43 5.45 -4.36
C SER B 112 -6.74 5.94 -4.96
N ILE B 113 -7.37 5.08 -5.75
CA ILE B 113 -8.62 5.42 -6.43
C ILE B 113 -9.83 4.65 -5.91
N LEU B 114 -10.92 5.38 -5.62
CA LEU B 114 -12.17 4.76 -5.16
C LEU B 114 -13.13 4.86 -6.34
N TYR B 115 -13.71 3.74 -6.74
CA TYR B 115 -14.62 3.76 -7.88
C TYR B 115 -15.61 2.60 -7.75
N ARG B 116 -16.57 2.55 -8.66
CA ARG B 116 -17.57 1.47 -8.66
C ARG B 116 -16.86 0.26 -9.21
N LYS B 117 -17.33 -0.93 -8.87
CA LYS B 117 -16.71 -2.13 -9.39
C LYS B 117 -17.48 -2.60 -10.62
N GLY B 118 -16.89 -3.53 -11.37
CA GLY B 118 -17.56 -4.04 -12.55
C GLY B 118 -17.19 -3.27 -13.82
N THR B 119 -16.32 -2.28 -13.66
CA THR B 119 -15.90 -1.46 -14.79
C THR B 119 -14.52 -1.89 -15.29
N PRO B 120 -14.16 -1.44 -16.51
CA PRO B 120 -12.86 -1.76 -17.10
C PRO B 120 -11.76 -0.83 -16.60
N ILE B 121 -12.10 0.13 -15.74
CA ILE B 121 -11.09 1.05 -15.20
C ILE B 121 -10.27 0.25 -14.20
N ASP B 122 -8.97 0.15 -14.43
CA ASP B 122 -8.13 -0.64 -13.54
C ASP B 122 -6.90 0.10 -13.03
N SER B 123 -6.79 1.39 -13.35
CA SER B 123 -5.64 2.14 -12.89
C SER B 123 -5.82 3.63 -13.13
N ALA B 124 -4.88 4.41 -12.60
CA ALA B 124 -4.92 5.85 -12.78
C ALA B 124 -4.79 6.13 -14.28
N ASP B 125 -3.95 5.35 -14.96
CA ASP B 125 -3.75 5.53 -16.39
C ASP B 125 -5.08 5.38 -17.14
N ASP B 126 -5.88 4.39 -16.77
CA ASP B 126 -7.16 4.16 -17.41
C ASP B 126 -8.11 5.36 -17.25
N LEU B 127 -7.97 6.09 -16.15
CA LEU B 127 -8.80 7.28 -15.91
C LEU B 127 -8.24 8.46 -16.70
N ALA B 128 -6.92 8.59 -16.67
CA ALA B 128 -6.24 9.70 -17.36
C ALA B 128 -6.35 9.66 -18.88
N LYS B 129 -6.45 8.46 -19.47
CA LYS B 129 -6.52 8.32 -20.93
C LYS B 129 -7.91 8.60 -21.49
N GLN B 130 -8.85 8.94 -20.61
CA GLN B 130 -10.21 9.25 -21.04
C GLN B 130 -10.75 10.49 -20.34
N THR B 131 -11.78 11.09 -20.89
CA THR B 131 -12.35 12.29 -20.29
C THR B 131 -13.83 12.16 -20.05
N LYS B 132 -14.39 10.98 -20.29
CA LYS B 132 -15.82 10.79 -20.06
C LYS B 132 -16.09 10.70 -18.57
N ILE B 133 -15.39 9.78 -17.93
CA ILE B 133 -15.50 9.55 -16.50
C ILE B 133 -14.73 10.65 -15.80
N GLU B 134 -15.42 11.39 -14.94
CA GLU B 134 -14.78 12.47 -14.22
C GLU B 134 -14.19 11.91 -12.95
N TYR B 135 -13.20 12.61 -12.42
CA TYR B 135 -12.55 12.20 -11.21
C TYR B 135 -12.07 13.43 -10.48
N GLY B 136 -12.00 13.32 -9.16
CA GLY B 136 -11.56 14.44 -8.35
C GLY B 136 -11.00 14.01 -7.02
N ALA B 137 -10.87 14.99 -6.13
CA ALA B 137 -10.34 14.77 -4.80
C ALA B 137 -10.94 15.86 -3.92
N VAL B 138 -10.73 15.78 -2.61
CA VAL B 138 -11.25 16.81 -1.74
C VAL B 138 -10.40 18.05 -1.96
N GLU B 139 -11.03 19.22 -1.98
CA GLU B 139 -10.30 20.47 -2.19
C GLU B 139 -9.42 20.73 -0.98
N ASP B 140 -8.30 21.42 -1.20
CA ASP B 140 -7.38 21.80 -0.14
C ASP B 140 -6.89 20.68 0.77
N GLY B 141 -6.63 19.53 0.17
CA GLY B 141 -6.13 18.38 0.91
C GLY B 141 -4.79 17.94 0.34
N ALA B 142 -4.17 16.95 0.98
CA ALA B 142 -2.88 16.46 0.53
C ALA B 142 -2.94 15.75 -0.82
N THR B 143 -4.04 15.04 -1.08
CA THR B 143 -4.18 14.34 -2.36
C THR B 143 -4.19 15.36 -3.51
N MET B 144 -5.01 16.40 -3.38
N MET B 144 -5.01 16.40 -3.38
CA MET B 144 -5.09 17.43 -4.43
CA MET B 144 -5.09 17.44 -4.42
C MET B 144 -3.69 18.03 -4.65
C MET B 144 -3.71 18.05 -4.64
N THR B 145 -3.03 18.39 -3.55
CA THR B 145 -1.71 18.99 -3.61
C THR B 145 -0.70 18.06 -4.29
N PHE B 146 -0.84 16.77 -4.06
CA PHE B 146 0.02 15.77 -4.67
C PHE B 146 -0.08 15.87 -6.19
N PHE B 147 -1.31 15.93 -6.70
CA PHE B 147 -1.51 16.01 -8.14
C PHE B 147 -1.11 17.36 -8.70
N LYS B 148 -1.41 18.41 -7.96
CA LYS B 148 -1.05 19.75 -8.38
C LYS B 148 0.47 19.92 -8.53
N LYS B 149 1.25 19.21 -7.72
CA LYS B 149 2.71 19.31 -7.76
C LYS B 149 3.44 18.16 -8.46
N SER B 150 2.69 17.19 -8.97
CA SER B 150 3.29 16.04 -9.63
C SER B 150 3.89 16.33 -11.00
N LYS B 151 5.09 15.79 -11.22
CA LYS B 151 5.79 15.94 -12.49
C LYS B 151 5.67 14.66 -13.29
N ILE B 152 4.92 13.70 -12.74
CA ILE B 152 4.69 12.43 -13.41
C ILE B 152 3.58 12.67 -14.46
N SER B 153 3.91 12.46 -15.73
CA SER B 153 2.97 12.67 -16.82
C SER B 153 1.51 12.28 -16.53
N THR B 154 1.27 11.04 -16.15
CA THR B 154 -0.10 10.59 -15.89
C THR B 154 -0.82 11.45 -14.86
N TYR B 155 -0.12 11.78 -13.78
CA TYR B 155 -0.71 12.57 -12.71
C TYR B 155 -0.81 14.04 -13.09
N ASP B 156 0.17 14.51 -13.83
CA ASP B 156 0.17 15.89 -14.27
C ASP B 156 -1.03 16.15 -15.19
N LYS B 157 -1.36 15.19 -16.03
N LYS B 157 -1.35 15.17 -16.01
CA LYS B 157 -2.49 15.38 -16.94
CA LYS B 157 -2.47 15.28 -16.95
C LYS B 157 -3.79 15.21 -16.17
C LYS B 157 -3.78 15.15 -16.21
N MET B 158 -3.75 14.45 -15.09
CA MET B 158 -4.93 14.25 -14.25
C MET B 158 -5.20 15.55 -13.52
N TRP B 159 -4.15 16.25 -13.14
CA TRP B 159 -4.32 17.53 -12.46
C TRP B 159 -4.88 18.54 -13.45
N ALA B 160 -4.34 18.56 -14.67
CA ALA B 160 -4.82 19.47 -15.68
C ALA B 160 -6.33 19.28 -15.77
N PHE B 161 -6.76 18.03 -15.78
CA PHE B 161 -8.17 17.70 -15.87
C PHE B 161 -8.96 18.26 -14.68
N MET B 162 -8.56 17.86 -13.47
CA MET B 162 -9.24 18.31 -12.26
C MET B 162 -9.23 19.83 -12.15
N SER B 163 -8.05 20.40 -12.36
CA SER B 163 -7.88 21.84 -12.31
C SER B 163 -8.84 22.59 -13.23
N SER B 164 -9.00 22.10 -14.46
CA SER B 164 -9.88 22.72 -15.46
C SER B 164 -11.38 22.56 -15.15
N ARG B 165 -11.70 21.68 -14.20
CA ARG B 165 -13.08 21.44 -13.79
C ARG B 165 -13.17 21.45 -12.27
N ARG B 166 -12.28 22.23 -11.66
CA ARG B 166 -12.18 22.37 -10.21
C ARG B 166 -13.50 22.39 -9.42
N GLN B 167 -14.37 23.34 -9.73
CA GLN B 167 -15.62 23.46 -8.97
C GLN B 167 -16.57 22.28 -9.15
N SER B 168 -16.43 21.57 -10.27
CA SER B 168 -17.29 20.43 -10.53
C SER B 168 -16.74 19.13 -9.97
N VAL B 169 -15.42 18.96 -9.97
CA VAL B 169 -14.86 17.69 -9.51
C VAL B 169 -14.14 17.68 -8.16
N LEU B 170 -13.72 18.85 -7.68
CA LEU B 170 -13.08 18.90 -6.38
C LEU B 170 -14.22 19.15 -5.39
N VAL B 171 -14.36 18.27 -4.42
CA VAL B 171 -15.44 18.37 -3.45
C VAL B 171 -15.05 19.03 -2.13
N LYS B 172 -16.04 19.32 -1.31
CA LYS B 172 -15.80 19.98 -0.02
C LYS B 172 -15.33 19.01 1.06
N SER B 173 -15.65 17.74 0.89
CA SER B 173 -15.25 16.74 1.88
C SER B 173 -15.12 15.39 1.20
N ASN B 174 -14.40 14.46 1.83
CA ASN B 174 -14.24 13.14 1.25
C ASN B 174 -15.57 12.43 1.20
N GLU B 175 -16.44 12.73 2.15
CA GLU B 175 -17.75 12.11 2.15
C GLU B 175 -18.52 12.51 0.89
N GLU B 176 -18.38 13.77 0.50
CA GLU B 176 -19.05 14.27 -0.69
C GLU B 176 -18.53 13.54 -1.95
N GLY B 177 -17.24 13.19 -1.96
CA GLY B 177 -16.67 12.50 -3.09
C GLY B 177 -17.09 11.05 -3.17
N ILE B 178 -17.26 10.42 -2.00
CA ILE B 178 -17.67 9.03 -1.92
C ILE B 178 -19.13 8.89 -2.37
N GLN B 179 -20.00 9.73 -1.81
CA GLN B 179 -21.42 9.71 -2.17
C GLN B 179 -21.58 9.91 -3.66
N ARG B 180 -20.72 10.73 -4.24
N ARG B 180 -20.72 10.73 -4.24
CA ARG B 180 -20.76 11.01 -5.67
CA ARG B 180 -20.76 11.02 -5.66
C ARG B 180 -20.38 9.79 -6.49
C ARG B 180 -20.37 9.80 -6.50
N VAL B 181 -19.37 9.04 -6.04
CA VAL B 181 -18.94 7.85 -6.76
C VAL B 181 -20.10 6.87 -6.81
N LEU B 182 -20.99 6.97 -5.82
CA LEU B 182 -22.16 6.11 -5.69
C LEU B 182 -23.37 6.56 -6.51
N THR B 183 -23.42 7.84 -6.88
CA THR B 183 -24.54 8.37 -7.63
C THR B 183 -24.25 8.69 -9.09
N SER B 184 -23.00 8.96 -9.41
CA SER B 184 -22.69 9.29 -10.80
C SER B 184 -21.42 8.60 -11.29
N ASP B 185 -21.14 8.74 -12.59
CA ASP B 185 -19.94 8.13 -13.18
C ASP B 185 -18.75 8.98 -12.73
N TYR B 186 -18.34 8.76 -11.48
CA TYR B 186 -17.26 9.51 -10.87
C TYR B 186 -16.25 8.63 -10.10
N ALA B 187 -14.96 8.91 -10.29
CA ALA B 187 -13.89 8.18 -9.60
C ALA B 187 -13.32 9.18 -8.60
N PHE B 188 -12.99 8.71 -7.41
CA PHE B 188 -12.49 9.60 -6.36
C PHE B 188 -11.10 9.22 -5.89
N LEU B 189 -10.21 10.20 -5.87
CA LEU B 189 -8.84 10.03 -5.43
C LEU B 189 -8.76 10.37 -3.94
N MET B 190 -8.44 9.38 -3.13
CA MET B 190 -8.31 9.57 -1.70
C MET B 190 -7.36 8.55 -1.09
N GLU B 191 -7.09 8.69 0.20
CA GLU B 191 -6.14 7.82 0.90
C GLU B 191 -6.63 6.40 1.20
N SER B 192 -5.73 5.45 0.91
CA SER B 192 -5.97 4.01 1.04
C SER B 192 -6.55 3.53 2.36
N THR B 193 -6.13 4.13 3.46
CA THR B 193 -6.65 3.74 4.77
C THR B 193 -8.17 3.96 4.82
N THR B 194 -8.60 5.12 4.34
CA THR B 194 -10.01 5.47 4.33
C THR B 194 -10.76 4.66 3.29
N ILE B 195 -10.14 4.43 2.14
CA ILE B 195 -10.75 3.63 1.09
C ILE B 195 -11.06 2.24 1.64
N GLU B 196 -10.17 1.73 2.47
CA GLU B 196 -10.33 0.42 3.10
C GLU B 196 -11.63 0.41 3.91
N PHE B 197 -11.82 1.45 4.71
CA PHE B 197 -12.99 1.60 5.55
C PHE B 197 -14.27 1.67 4.70
N VAL B 198 -14.25 2.52 3.66
CA VAL B 198 -15.39 2.72 2.78
C VAL B 198 -15.84 1.48 2.00
N THR B 199 -14.89 0.80 1.37
CA THR B 199 -15.19 -0.41 0.60
C THR B 199 -15.64 -1.54 1.50
N GLN B 200 -15.26 -1.49 2.77
CA GLN B 200 -15.65 -2.52 3.72
C GLN B 200 -17.15 -2.40 4.02
N ARG B 201 -17.66 -1.19 3.92
CA ARG B 201 -19.07 -0.93 4.22
C ARG B 201 -19.95 -0.68 3.00
N ASN B 202 -19.35 -0.69 1.81
CA ASN B 202 -20.12 -0.50 0.59
C ASN B 202 -19.63 -1.50 -0.43
N CYS B 203 -20.25 -2.66 -0.43
CA CYS B 203 -19.89 -3.75 -1.33
C CYS B 203 -19.90 -3.35 -2.80
N ASN B 204 -20.47 -2.20 -3.12
CA ASN B 204 -20.54 -1.74 -4.50
C ASN B 204 -19.29 -0.96 -4.88
N LEU B 205 -18.49 -0.58 -3.88
CA LEU B 205 -17.28 0.17 -4.13
C LEU B 205 -16.01 -0.67 -4.02
N THR B 206 -14.96 -0.20 -4.67
CA THR B 206 -13.68 -0.89 -4.66
C THR B 206 -12.52 0.05 -4.94
N GLN B 207 -11.33 -0.33 -4.49
CA GLN B 207 -10.15 0.47 -4.76
C GLN B 207 -9.72 0.10 -6.17
N ILE B 208 -9.24 1.08 -6.93
CA ILE B 208 -8.79 0.83 -8.29
C ILE B 208 -7.28 0.96 -8.31
N GLY B 209 -6.60 -0.11 -8.71
CA GLY B 209 -5.15 -0.09 -8.77
C GLY B 209 -4.50 -0.17 -7.40
N GLY B 210 -3.21 0.20 -7.34
CA GLY B 210 -2.50 0.16 -6.07
C GLY B 210 -2.33 1.56 -5.52
N LEU B 211 -1.32 1.73 -4.68
CA LEU B 211 -1.03 3.03 -4.08
C LEU B 211 -0.20 3.89 -5.04
N ILE B 212 -0.62 5.13 -5.21
CA ILE B 212 0.03 6.08 -6.08
C ILE B 212 1.24 6.70 -5.38
N ASP B 213 1.23 6.66 -4.06
CA ASP B 213 2.35 7.20 -3.31
C ASP B 213 2.37 6.58 -1.93
N SER B 214 3.31 7.02 -1.10
N SER B 214 3.31 7.02 -1.10
CA SER B 214 3.45 6.49 0.25
CA SER B 214 3.43 6.50 0.25
C SER B 214 3.63 7.64 1.22
C SER B 214 3.63 7.64 1.22
N LYS B 215 2.81 7.67 2.27
CA LYS B 215 2.91 8.73 3.27
C LYS B 215 2.36 8.22 4.60
N GLY B 216 2.21 9.12 5.57
CA GLY B 216 1.70 8.73 6.86
C GLY B 216 0.93 9.85 7.50
N TYR B 217 0.13 9.51 8.51
CA TYR B 217 -0.65 10.49 9.27
C TYR B 217 0.15 10.74 10.53
N GLY B 218 0.26 12.02 10.91
CA GLY B 218 1.00 12.36 12.11
C GLY B 218 0.26 13.46 12.82
N VAL B 219 0.58 13.67 14.09
CA VAL B 219 -0.04 14.73 14.87
C VAL B 219 0.70 16.01 14.48
N GLY B 220 -0.06 17.06 14.16
CA GLY B 220 0.55 18.32 13.78
C GLY B 220 0.63 19.25 14.97
N THR B 221 1.66 20.09 15.01
CA THR B 221 1.84 21.07 16.08
C THR B 221 2.41 22.35 15.44
N PRO B 222 2.27 23.50 16.13
CA PRO B 222 2.82 24.73 15.56
C PRO B 222 4.31 24.47 15.47
N MET B 223 4.98 25.04 14.48
CA MET B 223 6.41 24.82 14.37
C MET B 223 7.10 25.23 15.66
N GLY B 224 8.06 24.43 16.09
CA GLY B 224 8.80 24.73 17.30
C GLY B 224 8.10 24.36 18.60
N SER B 225 6.94 23.71 18.50
CA SER B 225 6.20 23.29 19.69
C SER B 225 6.99 22.26 20.50
N PRO B 226 7.02 22.40 21.83
CA PRO B 226 7.74 21.47 22.70
C PRO B 226 6.99 20.14 22.83
N TYR B 227 5.73 20.13 22.38
CA TYR B 227 4.90 18.94 22.43
C TYR B 227 5.21 17.94 21.33
N ARG B 228 5.71 18.41 20.19
CA ARG B 228 5.97 17.50 19.07
C ARG B 228 6.85 16.28 19.40
N ASP B 229 8.00 16.50 20.04
CA ASP B 229 8.88 15.38 20.38
C ASP B 229 8.24 14.47 21.44
N LYS B 230 7.50 15.06 22.38
CA LYS B 230 6.84 14.28 23.41
C LYS B 230 5.78 13.39 22.76
N ILE B 231 5.01 13.98 21.84
N ILE B 231 5.00 13.97 21.85
CA ILE B 231 3.95 13.26 21.13
CA ILE B 231 3.96 13.22 21.15
C ILE B 231 4.56 12.09 20.35
C ILE B 231 4.56 12.07 20.35
N THR B 232 5.72 12.32 19.75
CA THR B 232 6.39 11.27 18.97
C THR B 232 6.75 10.12 19.92
N ILE B 233 7.24 10.43 21.11
CA ILE B 233 7.58 9.40 22.09
C ILE B 233 6.32 8.58 22.45
N ALA B 234 5.20 9.28 22.66
CA ALA B 234 3.96 8.61 22.99
C ALA B 234 3.50 7.71 21.82
N ILE B 235 3.51 8.23 20.59
CA ILE B 235 3.10 7.47 19.42
C ILE B 235 3.99 6.24 19.18
N LEU B 236 5.31 6.42 19.28
CA LEU B 236 6.21 5.30 19.07
C LEU B 236 5.96 4.24 20.15
N GLN B 237 5.60 4.67 21.36
CA GLN B 237 5.33 3.74 22.45
C GLN B 237 4.05 2.95 22.17
N LEU B 238 3.02 3.66 21.70
CA LEU B 238 1.74 3.04 21.36
C LEU B 238 1.95 2.07 20.21
N GLN B 239 2.86 2.43 19.31
CA GLN B 239 3.18 1.59 18.17
C GLN B 239 3.77 0.26 18.65
N GLU B 240 4.91 0.33 19.36
CA GLU B 240 5.62 -0.86 19.88
C GLU B 240 4.75 -1.83 20.68
N GLU B 241 3.87 -1.28 21.51
N GLU B 241 3.87 -1.27 21.51
CA GLU B 241 3.00 -2.12 22.34
CA GLU B 241 2.98 -2.07 22.35
C GLU B 241 1.85 -2.72 21.55
C GLU B 241 1.85 -2.72 21.55
N GLY B 242 1.72 -2.34 20.28
CA GLY B 242 0.65 -2.89 19.47
C GLY B 242 -0.70 -2.23 19.70
N LYS B 243 -0.69 -1.13 20.43
CA LYS B 243 -1.91 -0.40 20.74
C LYS B 243 -2.48 0.28 19.49
N LEU B 244 -1.60 0.81 18.64
CA LEU B 244 -2.07 1.47 17.42
C LEU B 244 -2.72 0.43 16.52
N HIS B 245 -2.20 -0.79 16.53
CA HIS B 245 -2.77 -1.86 15.71
C HIS B 245 -4.16 -2.23 16.25
N MET B 246 -4.28 -2.26 17.58
CA MET B 246 -5.54 -2.59 18.23
C MET B 246 -6.60 -1.52 17.93
N MET B 247 -6.17 -0.27 17.88
CA MET B 247 -7.07 0.86 17.58
C MET B 247 -7.56 0.80 16.14
N LYS B 248 -6.66 0.42 15.23
CA LYS B 248 -7.00 0.31 13.82
C LYS B 248 -8.04 -0.79 13.66
N GLU B 249 -7.79 -1.97 14.25
CA GLU B 249 -8.72 -3.07 14.16
C GLU B 249 -10.08 -2.70 14.75
N LYS B 250 -10.06 -1.95 15.84
CA LYS B 250 -11.30 -1.54 16.50
C LYS B 250 -12.16 -0.66 15.61
N TRP B 251 -11.54 0.32 14.96
CA TRP B 251 -12.29 1.24 14.12
C TRP B 251 -12.50 0.84 12.67
N TRP B 252 -11.77 -0.18 12.21
CA TRP B 252 -11.91 -0.67 10.85
C TRP B 252 -12.63 -2.03 10.77
N ARG B 253 -12.26 -2.96 11.63
CA ARG B 253 -12.87 -4.29 11.63
C ARG B 253 -12.77 -4.98 10.28
#